data_7K9V
#
_entry.id   7K9V
#
_cell.length_a   145.562
_cell.length_b   44.289
_cell.length_c   78.000
_cell.angle_alpha   90.000
_cell.angle_beta   104.355
_cell.angle_gamma   90.000
#
_symmetry.space_group_name_H-M   'C 1 2 1'
#
loop_
_entity.id
_entity.type
_entity.pdbx_description
1 polymer 'Hsp90-like protein'
2 non-polymer (1,3-dihydro-2H-isoindol-2-yl)(2,4-dihydroxy-6-{[1-methyl-3-(2-methylphenyl)-1H-pyrazol-5-yl]amino}phenyl)methanone
3 non-polymer BENZAMIDINE
4 non-polymer GLYCEROL
5 non-polymer 'CHLORIDE ION'
6 water water
#
_entity_poly.entity_id   1
_entity_poly.type   'polypeptide(L)'
_entity_poly.pdbx_seq_one_letter_code
;GPGSMSTETFGFQAEISQLLDLIINTFYSNKEIFLRELISNSSDALDKIRYAALTDPSQLDSEKDLYIRIIPNKEEGTLT
IRDTGIGMTKADLVNNLGTIAKSGTKAFMEALSSGADISMIGQFGVGFYSSYLVAEKVQVTTKHNDDEQYIWESAAGGTF
TITEDTEGPRLGRGTSMKLFIKEDLKEYLEEKRIREIVKKHSEFISYPIQLVVTKETEK
;
_entity_poly.pdbx_strand_id   A,B
#
# COMPACT_ATOMS: atom_id res chain seq x y z
N GLY A 11 -16.65 18.91 -25.20
CA GLY A 11 -16.19 20.11 -24.53
C GLY A 11 -14.89 20.60 -25.14
N PHE A 12 -13.95 21.03 -24.32
CA PHE A 12 -12.69 21.50 -24.86
C PHE A 12 -11.44 20.87 -24.24
N GLN A 13 -11.58 19.68 -23.69
CA GLN A 13 -10.44 19.05 -23.06
C GLN A 13 -9.34 18.76 -24.07
N ALA A 14 -9.71 18.36 -25.28
CA ALA A 14 -8.70 18.06 -26.30
C ALA A 14 -7.78 19.26 -26.51
N GLU A 15 -8.37 20.43 -26.73
CA GLU A 15 -7.59 21.63 -27.04
C GLU A 15 -6.85 22.16 -25.81
N ILE A 16 -7.51 22.16 -24.64
CA ILE A 16 -6.89 22.66 -23.42
C ILE A 16 -5.70 21.80 -23.03
N SER A 17 -5.88 20.47 -23.06
CA SER A 17 -4.77 19.58 -22.73
C SER A 17 -3.62 19.76 -23.71
N GLN A 18 -3.92 19.93 -25.01
CA GLN A 18 -2.85 20.21 -25.96
C GLN A 18 -2.16 21.54 -25.66
N LEU A 19 -2.95 22.58 -25.40
CA LEU A 19 -2.36 23.88 -25.13
C LEU A 19 -1.47 23.84 -23.90
N LEU A 20 -1.99 23.29 -22.80
CA LEU A 20 -1.26 23.33 -21.53
C LEU A 20 -0.05 22.39 -21.54
N ASP A 21 -0.16 21.25 -22.21
CA ASP A 21 1.00 20.37 -22.40
C ASP A 21 2.15 21.14 -23.05
N LEU A 22 1.86 21.83 -24.14
CA LEU A 22 2.90 22.58 -24.84
C LEU A 22 3.46 23.72 -23.99
N ILE A 23 2.58 24.49 -23.34
CA ILE A 23 3.03 25.69 -22.63
C ILE A 23 3.78 25.31 -21.36
N ILE A 24 3.23 24.35 -20.61
CA ILE A 24 3.82 24.00 -19.32
C ILE A 24 5.20 23.39 -19.53
N ASN A 25 5.34 22.50 -20.53
CA ASN A 25 6.65 21.93 -20.79
C ASN A 25 7.63 22.99 -21.30
N THR A 26 7.13 24.02 -21.98
CA THR A 26 8.00 25.07 -22.48
C THR A 26 8.55 25.94 -21.36
N PHE A 27 7.69 26.32 -20.41
CA PHE A 27 8.02 27.40 -19.48
C PHE A 27 8.44 26.93 -18.08
N TYR A 28 8.23 25.66 -17.74
CA TYR A 28 8.64 25.12 -16.44
C TYR A 28 9.76 24.09 -16.70
N SER A 29 11.01 24.56 -16.62
CA SER A 29 12.13 23.67 -16.89
C SER A 29 12.44 22.75 -15.72
N ASN A 30 11.90 23.04 -14.53
CA ASN A 30 12.12 22.22 -13.35
C ASN A 30 10.93 21.28 -13.23
N LYS A 31 11.01 20.14 -13.92
CA LYS A 31 9.88 19.22 -14.05
C LYS A 31 9.46 18.62 -12.72
N GLU A 32 10.37 18.59 -11.73
CA GLU A 32 10.06 17.89 -10.48
C GLU A 32 8.93 18.56 -9.70
N ILE A 33 8.56 19.79 -10.02
CA ILE A 33 7.44 20.42 -9.34
C ILE A 33 6.12 19.75 -9.64
N PHE A 34 6.05 18.82 -10.61
CA PHE A 34 4.80 18.10 -10.80
C PHE A 34 4.39 17.38 -9.53
N LEU A 35 5.37 16.88 -8.79
CA LEU A 35 5.04 16.11 -7.59
C LEU A 35 4.61 17.03 -6.45
N ARG A 36 5.18 18.22 -6.38
CA ARG A 36 4.71 19.22 -5.42
C ARG A 36 3.24 19.51 -5.62
N GLU A 37 2.81 19.71 -6.87
CA GLU A 37 1.41 20.01 -7.15
C GLU A 37 0.51 18.84 -6.76
N LEU A 38 0.91 17.60 -7.10
CA LEU A 38 0.09 16.44 -6.73
C LEU A 38 -0.10 16.38 -5.23
N ILE A 39 1.00 16.53 -4.49
CA ILE A 39 0.92 16.39 -3.02
C ILE A 39 0.11 17.54 -2.42
N SER A 40 0.26 18.75 -2.97
N SER A 40 0.24 18.74 -2.98
CA SER A 40 -0.50 19.89 -2.48
CA SER A 40 -0.51 19.89 -2.47
C SER A 40 -1.99 19.66 -2.69
C SER A 40 -2.00 19.71 -2.70
N ASN A 41 -2.39 19.18 -3.87
CA ASN A 41 -3.80 18.91 -4.13
C ASN A 41 -4.31 17.80 -3.24
N SER A 42 -3.51 16.74 -3.06
CA SER A 42 -3.90 15.70 -2.12
C SER A 42 -4.12 16.28 -0.72
N SER A 43 -3.18 17.13 -0.27
CA SER A 43 -3.29 17.70 1.08
C SER A 43 -4.57 18.52 1.24
N ASP A 44 -4.96 19.29 0.20
CA ASP A 44 -6.20 20.05 0.25
C ASP A 44 -7.41 19.12 0.34
N ALA A 45 -7.41 18.04 -0.45
CA ALA A 45 -8.52 17.09 -0.40
C ALA A 45 -8.63 16.42 0.96
N LEU A 46 -7.47 16.15 1.58
CA LEU A 46 -7.45 15.56 2.91
C LEU A 46 -7.93 16.55 3.97
N ASP A 47 -7.49 17.81 3.88
CA ASP A 47 -8.05 18.84 4.75
C ASP A 47 -9.58 18.86 4.65
N LYS A 48 -10.10 18.70 3.44
CA LYS A 48 -11.54 18.81 3.22
C LYS A 48 -12.30 17.70 3.93
N ILE A 49 -11.82 16.45 3.83
CA ILE A 49 -12.52 15.36 4.54
C ILE A 49 -12.30 15.47 6.05
N ARG A 50 -11.12 15.92 6.48
CA ARG A 50 -10.87 16.09 7.90
C ARG A 50 -11.86 17.08 8.51
N TYR A 51 -12.11 18.18 7.81
CA TYR A 51 -13.06 19.19 8.30
C TYR A 51 -14.49 18.64 8.30
N ALA A 52 -14.86 17.93 7.23
CA ALA A 52 -16.19 17.33 7.18
C ALA A 52 -16.40 16.34 8.31
N ALA A 53 -15.36 15.60 8.68
CA ALA A 53 -15.48 14.62 9.76
C ALA A 53 -15.70 15.25 11.13
N LEU A 54 -15.37 16.54 11.28
CA LEU A 54 -15.60 17.20 12.57
C LEU A 54 -17.07 17.15 12.92
N THR A 55 -17.94 17.45 11.96
CA THR A 55 -19.36 17.49 12.24
C THR A 55 -20.05 16.16 11.98
N ASP A 56 -19.48 15.32 11.11
CA ASP A 56 -20.03 13.99 10.80
C ASP A 56 -18.88 12.99 10.81
N PRO A 57 -18.53 12.46 11.99
CA PRO A 57 -17.45 11.46 12.06
C PRO A 57 -17.65 10.26 11.13
N SER A 58 -18.91 9.90 10.81
CA SER A 58 -19.15 8.77 9.90
C SER A 58 -18.62 9.03 8.49
N GLN A 59 -18.26 10.27 8.16
CA GLN A 59 -17.61 10.53 6.88
C GLN A 59 -16.33 9.75 6.71
N LEU A 60 -15.70 9.33 7.81
CA LEU A 60 -14.45 8.58 7.71
C LEU A 60 -14.69 7.07 7.69
N ASP A 61 -15.95 6.64 7.71
CA ASP A 61 -16.23 5.21 7.70
C ASP A 61 -15.65 4.54 6.45
N SER A 62 -15.65 5.26 5.33
CA SER A 62 -15.13 4.72 4.05
C SER A 62 -13.64 4.43 4.16
N GLU A 63 -12.87 5.33 4.78
CA GLU A 63 -11.42 5.08 5.03
C GLU A 63 -11.01 5.90 6.27
N LYS A 64 -10.64 5.22 7.35
CA LYS A 64 -10.28 5.89 8.63
C LYS A 64 -8.97 6.68 8.52
N ASP A 65 -8.00 6.19 7.75
CA ASP A 65 -6.67 6.82 7.70
C ASP A 65 -6.55 7.93 6.65
N LEU A 66 -5.96 9.05 7.04
CA LEU A 66 -5.70 10.16 6.12
C LEU A 66 -4.23 10.15 5.72
N TYR A 67 -3.94 9.91 4.44
CA TYR A 67 -2.54 9.82 4.04
C TYR A 67 -2.42 10.01 2.54
N ILE A 68 -1.16 10.17 2.12
CA ILE A 68 -0.78 10.30 0.72
C ILE A 68 0.23 9.18 0.46
N ARG A 69 0.03 8.42 -0.62
CA ARG A 69 0.91 7.29 -0.90
C ARG A 69 1.35 7.34 -2.35
N ILE A 70 2.64 7.07 -2.56
CA ILE A 70 3.28 7.13 -3.88
C ILE A 70 3.67 5.72 -4.26
N ILE A 71 3.25 5.28 -5.44
CA ILE A 71 3.45 3.90 -5.89
C ILE A 71 4.08 3.91 -7.26
N PRO A 72 5.39 3.72 -7.38
CA PRO A 72 5.99 3.59 -8.71
C PRO A 72 5.82 2.16 -9.22
N ASN A 73 5.71 2.06 -10.54
CA ASN A 73 5.61 0.75 -11.21
C ASN A 73 6.51 0.83 -12.42
N LYS A 74 7.72 0.27 -12.31
CA LYS A 74 8.67 0.37 -13.41
C LYS A 74 8.28 -0.52 -14.59
N GLU A 75 7.64 -1.65 -14.33
CA GLU A 75 7.19 -2.50 -15.43
C GLU A 75 6.14 -1.78 -16.27
N GLU A 76 5.21 -1.08 -15.63
CA GLU A 76 4.15 -0.36 -16.31
C GLU A 76 4.59 1.02 -16.77
N GLY A 77 5.68 1.54 -16.21
CA GLY A 77 6.14 2.89 -16.47
C GLY A 77 5.27 3.95 -15.87
N THR A 78 4.71 3.71 -14.68
CA THR A 78 3.75 4.62 -14.10
C THR A 78 4.16 5.02 -12.70
N LEU A 79 3.78 6.24 -12.34
CA LEU A 79 3.89 6.73 -10.98
C LEU A 79 2.50 7.11 -10.51
N THR A 80 2.05 6.50 -9.43
CA THR A 80 0.71 6.72 -8.92
C THR A 80 0.80 7.45 -7.59
N ILE A 81 0.06 8.56 -7.47
CA ILE A 81 -0.08 9.28 -6.19
C ILE A 81 -1.53 9.12 -5.77
N ARG A 82 -1.76 8.41 -4.66
CA ARG A 82 -3.09 8.15 -4.14
C ARG A 82 -3.24 8.81 -2.78
N ASP A 83 -4.40 9.43 -2.55
CA ASP A 83 -4.68 10.04 -1.25
C ASP A 83 -6.04 9.53 -0.78
N THR A 84 -6.26 9.63 0.52
CA THR A 84 -7.56 9.26 1.09
C THR A 84 -8.35 10.51 1.45
N GLY A 85 -8.26 11.53 0.59
CA GLY A 85 -8.98 12.77 0.77
C GLY A 85 -10.47 12.61 0.49
N ILE A 86 -11.16 13.75 0.40
CA ILE A 86 -12.60 13.71 0.24
C ILE A 86 -13.03 13.13 -1.12
N GLY A 87 -12.14 13.11 -2.12
CA GLY A 87 -12.49 12.60 -3.43
C GLY A 87 -13.38 13.57 -4.20
N MET A 88 -13.79 13.16 -5.41
CA MET A 88 -14.61 13.97 -6.27
C MET A 88 -15.87 13.21 -6.67
N THR A 89 -17.04 13.85 -6.53
CA THR A 89 -18.23 13.31 -7.16
C THR A 89 -18.09 13.44 -8.67
N LYS A 90 -18.98 12.77 -9.41
CA LYS A 90 -18.97 12.96 -10.86
C LYS A 90 -19.17 14.43 -11.20
N ALA A 91 -20.10 15.11 -10.50
CA ALA A 91 -20.34 16.52 -10.76
C ALA A 91 -19.11 17.37 -10.47
N ASP A 92 -18.36 17.01 -9.42
CA ASP A 92 -17.08 17.69 -9.15
C ASP A 92 -16.12 17.52 -10.33
N LEU A 93 -15.96 16.29 -10.81
CA LEU A 93 -15.05 16.02 -11.91
C LEU A 93 -15.50 16.72 -13.19
N VAL A 94 -16.80 16.69 -13.47
CA VAL A 94 -17.35 17.39 -14.63
C VAL A 94 -17.05 18.88 -14.55
N ASN A 95 -17.21 19.46 -13.36
CA ASN A 95 -16.94 20.89 -13.20
C ASN A 95 -15.46 21.18 -13.41
N ASN A 96 -14.59 20.31 -12.92
CA ASN A 96 -13.16 20.46 -13.19
C ASN A 96 -12.87 20.42 -14.68
N LEU A 97 -13.46 19.46 -15.39
CA LEU A 97 -13.13 19.32 -16.81
C LEU A 97 -13.76 20.42 -17.65
N GLY A 98 -14.89 20.97 -17.21
CA GLY A 98 -15.54 22.01 -17.97
C GLY A 98 -15.11 23.37 -17.49
N THR A 99 -15.89 23.89 -16.54
CA THR A 99 -15.76 25.28 -16.13
C THR A 99 -14.36 25.61 -15.62
N ILE A 100 -13.80 24.77 -14.75
CA ILE A 100 -12.54 25.15 -14.10
C ILE A 100 -11.39 25.12 -15.11
N ALA A 101 -11.33 24.08 -15.94
CA ALA A 101 -10.23 23.97 -16.90
C ALA A 101 -10.23 25.15 -17.86
N LYS A 102 -11.39 25.48 -18.41
CA LYS A 102 -11.49 26.62 -19.34
C LYS A 102 -11.14 27.93 -18.64
N SER A 103 -11.74 28.16 -17.46
CA SER A 103 -11.51 29.42 -16.76
C SER A 103 -10.07 29.55 -16.30
N GLY A 104 -9.51 28.48 -15.75
CA GLY A 104 -8.14 28.54 -15.25
C GLY A 104 -7.12 28.64 -16.36
N THR A 105 -7.40 28.02 -17.52
CA THR A 105 -6.54 28.22 -18.67
C THR A 105 -6.48 29.69 -19.06
N LYS A 106 -7.63 30.35 -19.10
CA LYS A 106 -7.62 31.78 -19.40
C LYS A 106 -6.81 32.55 -18.37
N ALA A 107 -7.03 32.26 -17.08
CA ALA A 107 -6.32 33.02 -16.04
C ALA A 107 -4.83 32.77 -16.13
N PHE A 108 -4.44 31.52 -16.39
CA PHE A 108 -3.04 31.14 -16.53
C PHE A 108 -2.40 31.82 -17.73
N MET A 109 -3.07 31.77 -18.88
CA MET A 109 -2.51 32.37 -20.09
C MET A 109 -2.39 33.88 -19.98
N GLU A 110 -3.34 34.53 -19.29
CA GLU A 110 -3.24 35.98 -19.14
C GLU A 110 -2.12 36.37 -18.19
N ALA A 111 -1.92 35.58 -17.14
CA ALA A 111 -0.77 35.80 -16.26
C ALA A 111 0.54 35.53 -16.99
N LEU A 112 0.59 34.45 -17.78
CA LEU A 112 1.76 34.21 -18.62
C LEU A 112 2.03 35.40 -19.54
N SER A 113 0.97 35.89 -20.21
CA SER A 113 1.15 36.97 -21.18
C SER A 113 1.57 38.27 -20.48
N SER A 114 0.89 38.64 -19.40
CA SER A 114 1.20 39.88 -18.71
C SER A 114 2.54 39.84 -17.98
N GLY A 115 3.33 38.78 -18.13
CA GLY A 115 4.56 38.67 -17.39
C GLY A 115 4.39 38.43 -15.90
N ALA A 116 3.19 38.13 -15.45
CA ALA A 116 2.98 37.90 -14.03
C ALA A 116 3.71 36.62 -13.59
N ASP A 117 3.99 36.55 -12.29
CA ASP A 117 4.65 35.37 -11.74
C ASP A 117 3.75 34.15 -11.83
N ILE A 118 4.17 33.14 -12.58
CA ILE A 118 3.37 31.94 -12.78
C ILE A 118 4.03 30.71 -12.15
N SER A 119 4.94 30.92 -11.20
CA SER A 119 5.69 29.80 -10.62
C SER A 119 4.76 28.81 -9.94
N MET A 120 3.79 29.31 -9.17
CA MET A 120 2.79 28.48 -8.49
C MET A 120 1.59 28.31 -9.42
N ILE A 121 1.69 27.32 -10.32
CA ILE A 121 0.66 27.13 -11.34
C ILE A 121 -0.68 26.76 -10.73
N GLY A 122 -0.68 26.17 -9.53
CA GLY A 122 -1.94 25.76 -8.93
C GLY A 122 -2.87 26.90 -8.59
N GLN A 123 -2.35 28.13 -8.49
CA GLN A 123 -3.21 29.27 -8.18
C GLN A 123 -4.21 29.54 -9.31
N PHE A 124 -3.98 28.99 -10.51
CA PHE A 124 -4.87 29.19 -11.64
C PHE A 124 -5.83 28.03 -11.83
N GLY A 125 -5.84 27.06 -10.91
CA GLY A 125 -6.80 25.99 -11.02
C GLY A 125 -6.48 24.93 -12.05
N VAL A 126 -5.37 25.05 -12.78
CA VAL A 126 -4.96 24.08 -13.78
C VAL A 126 -3.70 23.34 -13.36
N GLY A 127 -3.40 23.34 -12.04
CA GLY A 127 -2.24 22.62 -11.55
C GLY A 127 -2.25 21.15 -11.90
N PHE A 128 -3.42 20.57 -12.14
CA PHE A 128 -3.51 19.19 -12.58
C PHE A 128 -2.64 18.96 -13.81
N TYR A 129 -2.61 19.93 -14.71
CA TYR A 129 -1.90 19.72 -15.96
C TYR A 129 -0.39 19.80 -15.80
N SER A 130 0.11 20.19 -14.63
CA SER A 130 1.56 20.15 -14.44
C SER A 130 2.07 18.72 -14.52
N SER A 131 1.20 17.71 -14.38
CA SER A 131 1.65 16.33 -14.58
C SER A 131 2.17 16.08 -15.99
N TYR A 132 1.76 16.87 -16.99
CA TYR A 132 2.33 16.72 -18.32
C TYR A 132 3.80 17.08 -18.37
N LEU A 133 4.34 17.66 -17.31
CA LEU A 133 5.80 17.86 -17.28
C LEU A 133 6.54 16.54 -17.43
N VAL A 134 6.00 15.47 -16.83
CA VAL A 134 6.69 14.18 -16.84
C VAL A 134 5.85 13.07 -17.45
N ALA A 135 4.56 13.29 -17.66
CA ALA A 135 3.65 12.23 -18.10
C ALA A 135 3.10 12.56 -19.47
N GLU A 136 2.81 11.50 -20.24
CA GLU A 136 2.09 11.65 -21.49
C GLU A 136 0.63 11.26 -21.35
N LYS A 137 0.23 10.73 -20.21
CA LYS A 137 -1.16 10.40 -19.99
C LYS A 137 -1.34 10.30 -18.49
N VAL A 138 -2.47 10.79 -18.00
CA VAL A 138 -2.81 10.70 -16.59
C VAL A 138 -4.16 10.01 -16.47
N GLN A 139 -4.20 8.94 -15.67
CA GLN A 139 -5.47 8.29 -15.37
C GLN A 139 -5.93 8.70 -13.98
N VAL A 140 -7.09 9.35 -13.91
CA VAL A 140 -7.69 9.82 -12.67
C VAL A 140 -8.71 8.80 -12.20
N THR A 141 -8.53 8.26 -10.99
CA THR A 141 -9.58 7.51 -10.30
C THR A 141 -9.99 8.31 -9.07
N THR A 142 -11.29 8.39 -8.82
CA THR A 142 -11.74 9.16 -7.67
C THR A 142 -13.03 8.59 -7.11
N LYS A 143 -13.20 8.76 -5.81
CA LYS A 143 -14.31 8.18 -5.07
C LYS A 143 -14.66 9.12 -3.92
N HIS A 144 -15.85 9.71 -4.00
CA HIS A 144 -16.43 10.56 -2.98
C HIS A 144 -17.52 9.79 -2.25
N ASN A 145 -17.69 10.08 -0.96
CA ASN A 145 -18.67 9.35 -0.16
C ASN A 145 -20.07 9.40 -0.77
N ASP A 146 -20.38 10.46 -1.51
CA ASP A 146 -21.74 10.68 -2.00
C ASP A 146 -22.01 10.03 -3.36
N ASP A 147 -21.06 9.27 -3.90
CA ASP A 147 -21.09 8.89 -5.30
C ASP A 147 -20.27 7.61 -5.50
N GLU A 148 -20.26 7.14 -6.74
CA GLU A 148 -19.54 5.92 -7.11
C GLU A 148 -18.10 6.25 -7.47
N GLN A 149 -17.32 5.20 -7.72
CA GLN A 149 -15.94 5.38 -8.16
C GLN A 149 -15.92 5.61 -9.67
N TYR A 150 -15.24 6.66 -10.10
CA TYR A 150 -15.15 7.04 -11.50
C TYR A 150 -13.71 7.02 -11.98
N ILE A 151 -13.53 6.83 -13.27
CA ILE A 151 -12.22 6.94 -13.88
C ILE A 151 -12.30 7.90 -15.06
N TRP A 152 -11.25 8.71 -15.24
CA TRP A 152 -11.13 9.59 -16.39
C TRP A 152 -9.67 9.66 -16.79
N GLU A 153 -9.40 9.68 -18.09
CA GLU A 153 -8.03 9.74 -18.59
C GLU A 153 -7.78 11.07 -19.29
N SER A 154 -6.62 11.66 -19.04
CA SER A 154 -6.17 12.87 -19.73
C SER A 154 -4.95 12.52 -20.58
N ALA A 155 -5.05 12.77 -21.88
CA ALA A 155 -3.87 12.77 -22.73
C ALA A 155 -3.99 13.95 -23.68
N ALA A 156 -2.86 14.48 -24.14
CA ALA A 156 -2.91 15.71 -24.93
C ALA A 156 -3.74 15.50 -26.17
N GLY A 157 -4.80 16.29 -26.30
CA GLY A 157 -5.65 16.21 -27.47
C GLY A 157 -6.73 15.15 -27.41
N GLY A 158 -6.87 14.47 -26.28
CA GLY A 158 -7.85 13.41 -26.16
C GLY A 158 -9.21 13.90 -25.67
N THR A 159 -10.23 13.12 -25.97
CA THR A 159 -11.58 13.35 -25.46
C THR A 159 -12.02 12.03 -24.83
N PHE A 160 -12.00 11.96 -23.51
CA PHE A 160 -12.28 10.74 -22.77
C PHE A 160 -13.51 10.97 -21.92
N THR A 161 -14.46 10.03 -21.97
CA THR A 161 -15.68 10.17 -21.19
C THR A 161 -15.44 9.69 -19.76
N ILE A 162 -15.95 10.45 -18.78
CA ILE A 162 -15.94 9.98 -17.41
C ILE A 162 -16.74 8.68 -17.32
N THR A 163 -16.13 7.65 -16.76
CA THR A 163 -16.70 6.31 -16.75
C THR A 163 -16.80 5.79 -15.31
N GLU A 164 -17.91 5.14 -14.99
CA GLU A 164 -17.99 4.41 -13.72
C GLU A 164 -16.95 3.32 -13.70
N ASP A 165 -16.07 3.36 -12.69
CA ASP A 165 -14.99 2.38 -12.57
C ASP A 165 -15.51 1.20 -11.75
N THR A 166 -15.86 0.11 -12.43
CA THR A 166 -16.20 -1.13 -11.75
C THR A 166 -15.11 -2.18 -11.84
N GLU A 167 -14.13 -2.01 -12.72
CA GLU A 167 -13.05 -2.98 -12.88
C GLU A 167 -11.86 -2.71 -11.96
N GLY A 168 -11.75 -1.52 -11.41
CA GLY A 168 -10.53 -1.13 -10.72
C GLY A 168 -10.54 -1.48 -9.25
N PRO A 169 -9.35 -1.44 -8.63
CA PRO A 169 -9.29 -1.58 -7.17
C PRO A 169 -10.05 -0.44 -6.48
N ARG A 170 -10.74 -0.78 -5.40
CA ARG A 170 -11.50 0.23 -4.68
C ARG A 170 -10.57 1.22 -3.98
N LEU A 171 -10.86 2.51 -4.14
CA LEU A 171 -10.13 3.51 -3.36
C LEU A 171 -10.63 3.63 -1.93
N GLY A 172 -11.85 3.16 -1.66
CA GLY A 172 -12.51 3.43 -0.39
C GLY A 172 -13.03 4.85 -0.39
N ARG A 173 -12.11 5.80 -0.51
CA ARG A 173 -12.40 7.22 -0.62
C ARG A 173 -11.11 7.90 -1.03
N GLY A 174 -11.21 8.90 -1.90
CA GLY A 174 -10.04 9.66 -2.23
C GLY A 174 -9.85 9.75 -3.73
N THR A 175 -8.62 10.06 -4.11
CA THR A 175 -8.26 10.25 -5.52
C THR A 175 -6.91 9.62 -5.77
N SER A 176 -6.78 8.96 -6.91
CA SER A 176 -5.54 8.32 -7.31
C SER A 176 -5.17 8.83 -8.70
N MET A 177 -4.03 9.48 -8.81
CA MET A 177 -3.50 10.00 -10.07
C MET A 177 -2.43 9.04 -10.55
N LYS A 178 -2.66 8.37 -11.68
CA LYS A 178 -1.67 7.43 -12.23
C LYS A 178 -1.05 8.08 -13.47
N LEU A 179 0.24 8.41 -13.38
CA LEU A 179 0.96 9.14 -14.42
C LEU A 179 1.75 8.15 -15.26
N PHE A 180 1.53 8.16 -16.57
CA PHE A 180 2.30 7.34 -17.49
C PHE A 180 3.51 8.16 -17.90
N ILE A 181 4.70 7.79 -17.40
CA ILE A 181 5.87 8.64 -17.48
C ILE A 181 6.45 8.59 -18.89
N LYS A 182 6.82 9.75 -19.43
CA LYS A 182 7.46 9.77 -20.74
C LYS A 182 8.76 8.97 -20.75
N GLU A 183 9.13 8.50 -21.95
CA GLU A 183 10.19 7.48 -22.07
C GLU A 183 11.52 7.96 -21.55
N ASP A 184 11.84 9.26 -21.72
CA ASP A 184 13.11 9.85 -21.37
C ASP A 184 13.20 10.24 -19.90
N LEU A 185 12.14 10.04 -19.14
CA LEU A 185 11.99 10.63 -17.82
C LEU A 185 11.74 9.58 -16.75
N LYS A 186 12.20 8.34 -16.99
CA LYS A 186 11.97 7.28 -16.02
C LYS A 186 12.73 7.49 -14.72
N GLU A 187 13.60 8.51 -14.65
CA GLU A 187 14.23 8.83 -13.37
C GLU A 187 13.19 9.13 -12.30
N TYR A 188 12.00 9.60 -12.69
CA TYR A 188 10.98 9.92 -11.70
C TYR A 188 10.26 8.70 -11.16
N LEU A 189 10.65 7.50 -11.59
CA LEU A 189 10.17 6.28 -10.97
C LEU A 189 11.14 5.73 -9.93
N GLU A 190 12.31 6.34 -9.81
CA GLU A 190 13.36 5.81 -8.95
C GLU A 190 13.14 6.27 -7.50
N GLU A 191 13.30 5.33 -6.57
CA GLU A 191 13.07 5.62 -5.15
C GLU A 191 13.81 6.87 -4.68
N LYS A 192 15.12 6.91 -4.89
CA LYS A 192 15.91 8.00 -4.33
C LYS A 192 15.51 9.33 -4.93
N ARG A 193 15.15 9.35 -6.21
CA ARG A 193 14.74 10.59 -6.84
C ARG A 193 13.41 11.09 -6.29
N ILE A 194 12.43 10.19 -6.13
CA ILE A 194 11.16 10.57 -5.54
C ILE A 194 11.35 11.14 -4.14
N ARG A 195 12.21 10.50 -3.34
CA ARG A 195 12.35 10.91 -1.95
C ARG A 195 13.00 12.28 -1.84
N GLU A 196 14.04 12.56 -2.63
CA GLU A 196 14.63 13.90 -2.65
C GLU A 196 13.59 14.96 -2.98
N ILE A 197 12.75 14.69 -3.98
CA ILE A 197 11.80 15.70 -4.44
C ILE A 197 10.77 15.99 -3.36
N VAL A 198 10.24 14.95 -2.73
CA VAL A 198 9.26 15.15 -1.67
C VAL A 198 9.87 15.93 -0.52
N LYS A 199 11.08 15.54 -0.10
CA LYS A 199 11.70 16.22 1.03
C LYS A 199 12.01 17.68 0.68
N LYS A 200 12.25 17.97 -0.60
CA LYS A 200 12.54 19.36 -0.96
C LYS A 200 11.26 20.20 -1.05
N HIS A 201 10.18 19.64 -1.58
CA HIS A 201 9.02 20.44 -1.95
C HIS A 201 7.79 20.25 -1.06
N SER A 202 7.85 19.37 -0.06
CA SER A 202 6.65 19.08 0.74
C SER A 202 6.98 19.02 2.24
N GLU A 203 7.82 19.95 2.71
CA GLU A 203 8.19 19.98 4.11
C GLU A 203 6.99 20.28 5.01
N PHE A 204 6.10 21.18 4.59
CA PHE A 204 5.02 21.67 5.45
C PHE A 204 3.70 20.92 5.28
N ILE A 205 3.72 19.70 4.75
CA ILE A 205 2.50 18.91 4.59
C ILE A 205 2.23 18.17 5.89
N SER A 206 0.98 18.22 6.37
CA SER A 206 0.64 17.72 7.70
C SER A 206 0.07 16.32 7.69
N TYR A 207 0.14 15.62 6.57
CA TYR A 207 -0.34 14.25 6.45
C TYR A 207 0.85 13.34 6.18
N PRO A 208 0.79 12.08 6.62
CA PRO A 208 1.85 11.14 6.25
C PRO A 208 1.99 11.03 4.74
N ILE A 209 3.23 11.09 4.26
CA ILE A 209 3.54 10.81 2.87
C ILE A 209 4.29 9.49 2.82
N GLN A 210 3.71 8.51 2.17
CA GLN A 210 4.23 7.16 2.09
C GLN A 210 4.74 6.88 0.68
N LEU A 211 5.78 6.05 0.61
CA LEU A 211 6.29 5.55 -0.66
C LEU A 211 6.40 4.04 -0.59
N VAL A 212 5.88 3.34 -1.59
CA VAL A 212 6.09 1.89 -1.69
C VAL A 212 7.45 1.63 -2.30
N VAL A 213 8.34 0.97 -1.54
CA VAL A 213 9.65 0.59 -2.03
C VAL A 213 9.67 -0.91 -2.25
N THR A 214 10.22 -1.34 -3.37
CA THR A 214 10.26 -2.76 -3.72
C THR A 214 11.69 -3.25 -3.76
N LYS A 215 11.91 -4.43 -3.23
CA LYS A 215 13.23 -5.00 -3.23
C LYS A 215 13.61 -5.28 -4.67
N GLU A 216 14.84 -4.92 -5.04
CA GLU A 216 15.30 -5.13 -6.40
C GLU A 216 16.23 -6.36 -6.54
N THR A 217 16.11 -7.06 -7.66
CA THR A 217 16.92 -8.24 -7.96
C THR A 217 18.38 -7.93 -8.25
N GLU A 218 19.26 -8.87 -7.92
CA GLU A 218 20.69 -8.69 -8.15
N GLN B 13 -3.85 -23.15 20.38
N GLN B 13 -4.15 -22.86 20.44
CA GLN B 13 -3.94 -23.55 21.78
CA GLN B 13 -3.95 -23.49 21.74
C GLN B 13 -3.15 -22.62 22.69
C GLN B 13 -3.16 -22.59 22.68
N ALA B 14 -3.74 -22.30 23.84
CA ALA B 14 -3.05 -21.47 24.82
C ALA B 14 -1.78 -22.16 25.32
N GLU B 15 -1.82 -23.48 25.46
CA GLU B 15 -0.65 -24.18 26.04
C GLU B 15 0.46 -24.30 25.00
N ILE B 16 0.09 -24.59 23.75
CA ILE B 16 1.12 -24.79 22.74
C ILE B 16 1.80 -23.46 22.42
N SER B 17 1.07 -22.35 22.52
N SER B 17 1.08 -22.34 22.52
CA SER B 17 1.66 -21.03 22.31
CA SER B 17 1.69 -21.04 22.30
C SER B 17 2.70 -20.73 23.39
C SER B 17 2.71 -20.73 23.38
N GLN B 18 2.35 -20.97 24.65
CA GLN B 18 3.28 -20.74 25.75
C GLN B 18 4.53 -21.59 25.61
N LEU B 19 4.34 -22.87 25.27
CA LEU B 19 5.45 -23.79 25.05
C LEU B 19 6.41 -23.25 23.98
N LEU B 20 5.88 -22.92 22.80
CA LEU B 20 6.73 -22.50 21.70
C LEU B 20 7.40 -21.16 21.97
N ASP B 21 6.68 -20.22 22.60
CA ASP B 21 7.30 -18.96 22.98
C ASP B 21 8.58 -19.21 23.78
N LEU B 22 8.51 -20.06 24.81
CA LEU B 22 9.67 -20.35 25.64
C LEU B 22 10.76 -21.05 24.83
N ILE B 23 10.39 -22.11 24.10
CA ILE B 23 11.37 -22.86 23.32
C ILE B 23 12.04 -21.97 22.28
N ILE B 24 11.24 -21.23 21.51
CA ILE B 24 11.78 -20.48 20.39
C ILE B 24 12.66 -19.34 20.89
N ASN B 25 12.24 -18.63 21.94
CA ASN B 25 13.07 -17.55 22.45
C ASN B 25 14.35 -18.06 23.10
N THR B 26 14.34 -19.29 23.63
CA THR B 26 15.55 -19.82 24.28
C THR B 26 16.59 -20.29 23.27
N PHE B 27 16.15 -20.88 22.16
CA PHE B 27 17.04 -21.57 21.24
C PHE B 27 17.36 -20.77 19.98
N TYR B 28 16.77 -19.58 19.80
CA TYR B 28 17.04 -18.74 18.62
C TYR B 28 17.49 -17.36 19.10
N SER B 29 18.81 -17.17 19.21
CA SER B 29 19.37 -15.91 19.66
C SER B 29 19.17 -14.79 18.63
N ASN B 30 19.02 -15.16 17.36
CA ASN B 30 18.96 -14.17 16.28
C ASN B 30 17.50 -13.89 15.99
N LYS B 31 16.97 -12.84 16.63
CA LYS B 31 15.53 -12.58 16.57
C LYS B 31 15.06 -12.25 15.17
N GLU B 32 15.96 -11.80 14.29
CA GLU B 32 15.57 -11.25 12.99
C GLU B 32 15.03 -12.31 12.04
N ILE B 33 15.19 -13.60 12.33
CA ILE B 33 14.70 -14.62 11.42
C ILE B 33 13.18 -14.71 11.38
N PHE B 34 12.47 -14.06 12.32
CA PHE B 34 11.01 -14.03 12.25
C PHE B 34 10.54 -13.53 10.89
N LEU B 35 11.23 -12.54 10.33
CA LEU B 35 10.76 -11.95 9.08
C LEU B 35 10.98 -12.90 7.91
N ARG B 36 12.07 -13.67 7.94
CA ARG B 36 12.30 -14.69 6.92
C ARG B 36 11.22 -15.75 6.96
N GLU B 37 10.81 -16.16 8.16
CA GLU B 37 9.80 -17.21 8.27
C GLU B 37 8.43 -16.72 7.80
N LEU B 38 8.07 -15.47 8.11
CA LEU B 38 6.79 -14.95 7.64
C LEU B 38 6.81 -14.74 6.12
N ILE B 39 7.93 -14.28 5.58
CA ILE B 39 7.99 -14.09 4.13
C ILE B 39 7.95 -15.43 3.42
N SER B 40 8.60 -16.45 3.98
CA SER B 40 8.53 -17.79 3.42
C SER B 40 7.10 -18.32 3.44
N ASN B 41 6.40 -18.12 4.55
CA ASN B 41 4.99 -18.52 4.62
C ASN B 41 4.17 -17.82 3.55
N SER B 42 4.38 -16.51 3.39
CA SER B 42 3.62 -15.77 2.40
C SER B 42 3.94 -16.24 0.99
N SER B 43 5.22 -16.48 0.70
CA SER B 43 5.60 -16.99 -0.61
C SER B 43 4.91 -18.31 -0.93
N ASP B 44 4.81 -19.20 0.06
CA ASP B 44 4.12 -20.48 -0.17
C ASP B 44 2.65 -20.25 -0.50
N ALA B 45 2.02 -19.29 0.19
CA ALA B 45 0.61 -18.98 -0.06
C ALA B 45 0.42 -18.34 -1.42
N LEU B 46 1.41 -17.57 -1.87
CA LEU B 46 1.36 -16.99 -3.21
C LEU B 46 1.56 -18.05 -4.29
N ASP B 47 2.49 -18.99 -4.07
CA ASP B 47 2.61 -20.12 -4.98
C ASP B 47 1.27 -20.83 -5.17
N LYS B 48 0.53 -21.00 -4.08
CA LYS B 48 -0.70 -21.77 -4.12
C LYS B 48 -1.76 -21.08 -4.96
N ILE B 49 -1.95 -19.77 -4.76
CA ILE B 49 -2.94 -19.08 -5.58
C ILE B 49 -2.44 -18.96 -7.01
N ARG B 50 -1.14 -18.70 -7.19
CA ARG B 50 -0.59 -18.59 -8.54
C ARG B 50 -0.80 -19.88 -9.31
N TYR B 51 -0.67 -21.02 -8.65
CA TYR B 51 -0.88 -22.29 -9.32
C TYR B 51 -2.35 -22.54 -9.59
N ALA B 52 -3.21 -22.19 -8.62
CA ALA B 52 -4.64 -22.37 -8.79
C ALA B 52 -5.17 -21.56 -9.98
N ALA B 53 -4.60 -20.36 -10.20
CA ALA B 53 -5.06 -19.54 -11.31
C ALA B 53 -4.73 -20.13 -12.67
N LEU B 54 -3.81 -21.11 -12.74
CA LEU B 54 -3.46 -21.69 -14.04
C LEU B 54 -4.66 -22.35 -14.69
N THR B 55 -5.52 -22.98 -13.88
CA THR B 55 -6.69 -23.70 -14.38
C THR B 55 -7.99 -22.95 -14.14
N ASP B 56 -7.95 -21.87 -13.36
CA ASP B 56 -9.15 -21.11 -13.02
C ASP B 56 -8.73 -19.67 -12.84
N PRO B 57 -8.59 -18.93 -13.93
CA PRO B 57 -8.11 -17.54 -13.82
C PRO B 57 -8.98 -16.67 -12.92
N SER B 58 -10.26 -17.02 -12.74
CA SER B 58 -11.16 -16.22 -11.90
C SER B 58 -10.75 -16.25 -10.43
N GLN B 59 -9.87 -17.18 -10.04
CA GLN B 59 -9.34 -17.18 -8.68
C GLN B 59 -8.63 -15.86 -8.35
N LEU B 60 -8.15 -15.14 -9.36
CA LEU B 60 -7.47 -13.88 -9.12
C LEU B 60 -8.41 -12.68 -9.07
N ASP B 61 -9.70 -12.87 -9.35
CA ASP B 61 -10.61 -11.73 -9.40
C ASP B 61 -10.65 -10.98 -8.07
N SER B 62 -10.43 -11.68 -6.96
CA SER B 62 -10.51 -11.05 -5.65
C SER B 62 -9.32 -10.16 -5.37
N GLU B 63 -8.25 -10.30 -6.15
CA GLU B 63 -7.03 -9.48 -6.03
C GLU B 63 -6.04 -9.96 -7.09
N LYS B 64 -5.82 -9.15 -8.13
CA LYS B 64 -5.02 -9.61 -9.26
C LYS B 64 -3.51 -9.50 -9.03
N ASP B 65 -3.06 -8.70 -8.07
CA ASP B 65 -1.62 -8.54 -7.87
C ASP B 65 -1.13 -9.50 -6.80
N LEU B 66 -0.01 -10.15 -7.06
CA LEU B 66 0.58 -11.12 -6.14
C LEU B 66 1.80 -10.47 -5.49
N TYR B 67 1.73 -10.19 -4.19
CA TYR B 67 2.84 -9.49 -3.56
C TYR B 67 2.87 -9.76 -2.06
N ILE B 68 4.00 -9.38 -1.46
CA ILE B 68 4.21 -9.38 -0.02
C ILE B 68 4.52 -7.94 0.35
N ARG B 69 3.85 -7.42 1.38
CA ARG B 69 4.05 -6.03 1.75
C ARG B 69 4.22 -5.91 3.25
N ILE B 70 5.18 -5.08 3.64
CA ILE B 70 5.58 -4.90 5.03
C ILE B 70 5.18 -3.49 5.44
N ILE B 71 4.40 -3.38 6.50
CA ILE B 71 3.90 -2.05 6.88
C ILE B 71 4.21 -1.77 8.35
N PRO B 72 5.26 -1.00 8.63
CA PRO B 72 5.54 -0.63 10.02
C PRO B 72 4.69 0.55 10.46
N ASN B 73 4.34 0.54 11.74
CA ASN B 73 3.53 1.60 12.32
C ASN B 73 4.17 1.94 13.67
N LYS B 74 5.04 2.95 13.67
CA LYS B 74 5.80 3.24 14.87
C LYS B 74 4.91 3.82 15.96
N GLU B 75 3.81 4.48 15.57
CA GLU B 75 2.87 5.02 16.55
C GLU B 75 2.15 3.90 17.27
N GLU B 76 1.66 2.91 16.53
CA GLU B 76 0.97 1.76 17.12
C GLU B 76 1.93 0.71 17.65
N GLY B 77 3.21 0.77 17.28
CA GLY B 77 4.17 -0.22 17.69
C GLY B 77 3.99 -1.58 17.02
N THR B 78 3.56 -1.59 15.76
CA THR B 78 3.25 -2.82 15.07
C THR B 78 4.04 -2.93 13.76
N LEU B 79 4.29 -4.16 13.36
CA LEU B 79 4.81 -4.49 12.04
C LEU B 79 3.83 -5.46 11.40
N THR B 80 3.24 -5.05 10.28
CA THR B 80 2.30 -5.89 9.56
C THR B 80 2.98 -6.46 8.33
N ILE B 81 2.84 -7.77 8.13
CA ILE B 81 3.24 -8.41 6.88
C ILE B 81 1.99 -8.94 6.23
N ARG B 82 1.66 -8.40 5.06
CA ARG B 82 0.47 -8.81 4.34
C ARG B 82 0.86 -9.39 2.99
N ASP B 83 0.22 -10.49 2.61
CA ASP B 83 0.42 -11.06 1.29
C ASP B 83 -0.94 -11.22 0.63
N THR B 84 -0.93 -11.34 -0.69
CA THR B 84 -2.15 -11.61 -1.44
C THR B 84 -2.15 -13.06 -1.90
N GLY B 85 -1.72 -13.96 -1.03
CA GLY B 85 -1.71 -15.37 -1.33
C GLY B 85 -3.12 -15.94 -1.31
N ILE B 86 -3.19 -17.25 -1.33
CA ILE B 86 -4.45 -17.95 -1.37
C ILE B 86 -5.30 -17.70 -0.15
N GLY B 87 -4.67 -17.46 0.98
CA GLY B 87 -5.39 -17.21 2.19
C GLY B 87 -5.84 -18.48 2.88
N MET B 88 -6.55 -18.32 3.98
CA MET B 88 -7.02 -19.46 4.70
C MET B 88 -8.50 -19.42 4.99
N THR B 89 -9.13 -20.57 4.82
CA THR B 89 -10.52 -20.75 5.17
C THR B 89 -10.57 -20.99 6.67
N LYS B 90 -11.73 -20.85 7.26
CA LYS B 90 -11.86 -21.14 8.67
C LYS B 90 -11.38 -22.54 8.98
N ALA B 91 -11.73 -23.49 8.14
CA ALA B 91 -11.30 -24.85 8.34
C ALA B 91 -9.78 -24.94 8.27
N ASP B 92 -9.19 -24.23 7.32
CA ASP B 92 -7.75 -24.23 7.15
C ASP B 92 -7.11 -23.65 8.39
N LEU B 93 -7.67 -22.56 8.88
CA LEU B 93 -7.11 -21.93 10.06
C LEU B 93 -7.22 -22.84 11.26
N VAL B 94 -8.36 -23.48 11.41
CA VAL B 94 -8.60 -24.40 12.51
C VAL B 94 -7.65 -25.57 12.43
N ASN B 95 -7.41 -26.08 11.23
CA ASN B 95 -6.48 -27.17 11.04
C ASN B 95 -5.09 -26.77 11.45
N ASN B 96 -4.69 -25.56 11.12
CA ASN B 96 -3.37 -25.07 11.50
C ASN B 96 -3.27 -24.96 13.00
N LEU B 97 -4.32 -24.46 13.62
CA LEU B 97 -4.35 -24.26 15.06
C LEU B 97 -4.25 -25.56 15.85
N GLY B 98 -4.90 -26.61 15.37
CA GLY B 98 -4.85 -27.85 16.07
C GLY B 98 -3.90 -28.88 15.52
N THR B 99 -4.29 -29.57 14.46
CA THR B 99 -3.47 -30.64 13.93
C THR B 99 -2.02 -30.20 13.66
N ILE B 100 -1.86 -29.14 12.85
CA ILE B 100 -0.53 -28.75 12.40
C ILE B 100 0.30 -28.23 13.57
N ALA B 101 -0.30 -27.39 14.41
CA ALA B 101 0.41 -26.90 15.61
C ALA B 101 0.91 -28.06 16.45
N LYS B 102 0.05 -29.04 16.72
CA LYS B 102 0.45 -30.19 17.53
C LYS B 102 1.53 -31.00 16.83
N SER B 103 1.25 -31.43 15.58
CA SER B 103 2.22 -32.23 14.84
C SER B 103 3.54 -31.50 14.68
N GLY B 104 3.48 -30.24 14.28
CA GLY B 104 4.70 -29.48 14.04
C GLY B 104 5.51 -29.24 15.30
N THR B 105 4.84 -28.90 16.42
CA THR B 105 5.55 -28.75 17.68
C THR B 105 6.27 -30.04 18.05
N LYS B 106 5.59 -31.18 17.87
CA LYS B 106 6.21 -32.46 18.22
C LYS B 106 7.47 -32.70 17.37
N ALA B 107 7.37 -32.52 16.05
CA ALA B 107 8.54 -32.74 15.20
C ALA B 107 9.66 -31.72 15.49
N PHE B 108 9.28 -30.46 15.74
CA PHE B 108 10.27 -29.45 16.10
C PHE B 108 10.99 -29.82 17.38
N MET B 109 10.23 -30.18 18.42
CA MET B 109 10.83 -30.59 19.68
C MET B 109 11.67 -31.84 19.50
N GLU B 110 11.18 -32.78 18.68
CA GLU B 110 11.97 -33.97 18.35
C GLU B 110 13.29 -33.58 17.72
N ALA B 111 13.28 -32.62 16.79
CA ALA B 111 14.50 -32.24 16.09
C ALA B 111 15.45 -31.50 17.01
N LEU B 112 14.93 -30.62 17.86
CA LEU B 112 15.76 -29.97 18.86
C LEU B 112 16.46 -31.01 19.74
N SER B 113 15.70 -32.01 20.19
CA SER B 113 16.25 -32.99 21.11
C SER B 113 17.30 -33.86 20.44
N SER B 114 17.06 -34.24 19.18
CA SER B 114 17.96 -35.13 18.46
C SER B 114 19.16 -34.39 17.87
N GLY B 115 19.14 -33.07 17.85
CA GLY B 115 20.24 -32.31 17.31
C GLY B 115 20.24 -32.15 15.80
N ALA B 116 19.10 -32.35 15.14
CA ALA B 116 19.01 -32.16 13.69
C ALA B 116 19.13 -30.67 13.35
N ASP B 117 19.13 -30.38 12.05
CA ASP B 117 19.22 -28.99 11.59
C ASP B 117 17.95 -28.24 11.96
N ILE B 118 18.10 -27.19 12.74
CA ILE B 118 16.97 -26.43 13.29
C ILE B 118 16.90 -25.02 12.71
N SER B 119 17.67 -24.72 11.68
CA SER B 119 17.85 -23.33 11.27
C SER B 119 16.53 -22.71 10.80
N MET B 120 15.73 -23.50 10.06
CA MET B 120 14.45 -23.04 9.47
C MET B 120 13.26 -23.61 10.24
N ILE B 121 12.67 -22.82 11.12
CA ILE B 121 11.58 -23.30 11.97
C ILE B 121 10.39 -23.73 11.13
N GLY B 122 10.19 -23.09 9.98
CA GLY B 122 9.06 -23.41 9.13
C GLY B 122 9.09 -24.79 8.51
N GLN B 123 10.24 -25.47 8.52
CA GLN B 123 10.25 -26.84 8.02
C GLN B 123 9.41 -27.77 8.88
N PHE B 124 9.07 -27.36 10.11
CA PHE B 124 8.16 -28.12 10.97
C PHE B 124 6.75 -27.54 10.96
N GLY B 125 6.47 -26.59 10.06
CA GLY B 125 5.15 -26.03 9.94
C GLY B 125 4.76 -25.03 11.00
N VAL B 126 5.68 -24.68 11.91
CA VAL B 126 5.34 -23.81 13.02
C VAL B 126 6.15 -22.52 12.93
N GLY B 127 6.54 -22.15 11.71
CA GLY B 127 7.28 -20.92 11.52
C GLY B 127 6.53 -19.69 11.98
N PHE B 128 5.20 -19.75 11.98
CA PHE B 128 4.40 -18.64 12.50
C PHE B 128 4.83 -18.25 13.91
N TYR B 129 5.17 -19.22 14.74
CA TYR B 129 5.49 -18.91 16.12
C TYR B 129 6.82 -18.21 16.26
N SER B 130 7.59 -18.06 15.18
CA SER B 130 8.80 -17.25 15.26
C SER B 130 8.48 -15.78 15.49
N SER B 131 7.24 -15.35 15.22
CA SER B 131 6.84 -13.99 15.59
C SER B 131 7.13 -13.69 17.04
N TYR B 132 7.04 -14.71 17.91
CA TYR B 132 7.26 -14.50 19.34
C TYR B 132 8.70 -14.08 19.65
N LEU B 133 9.60 -14.12 18.67
CA LEU B 133 10.94 -13.59 18.90
C LEU B 133 10.91 -12.09 19.09
N VAL B 134 10.00 -11.39 18.40
CA VAL B 134 9.96 -9.93 18.46
C VAL B 134 8.62 -9.39 18.93
N ALA B 135 7.57 -10.20 18.98
CA ALA B 135 6.21 -9.73 19.24
C ALA B 135 5.67 -10.32 20.53
N GLU B 136 4.89 -9.53 21.26
CA GLU B 136 4.14 -10.04 22.39
C GLU B 136 2.74 -10.51 22.02
N LYS B 137 2.26 -10.16 20.84
CA LYS B 137 0.94 -10.56 20.37
C LYS B 137 0.94 -10.48 18.87
N VAL B 138 0.18 -11.38 18.22
CA VAL B 138 -0.01 -11.34 16.79
C VAL B 138 -1.50 -11.40 16.49
N GLN B 139 -1.97 -10.53 15.60
CA GLN B 139 -3.32 -10.58 15.08
C GLN B 139 -3.27 -11.08 13.64
N VAL B 140 -3.87 -12.25 13.41
CA VAL B 140 -3.91 -12.87 12.09
C VAL B 140 -5.24 -12.51 11.45
N THR B 141 -5.20 -12.00 10.24
CA THR B 141 -6.38 -11.74 9.45
C THR B 141 -6.16 -12.50 8.15
N THR B 142 -7.18 -13.20 7.69
CA THR B 142 -7.09 -14.00 6.51
C THR B 142 -8.39 -14.10 5.76
N LYS B 143 -8.31 -14.22 4.44
CA LYS B 143 -9.43 -14.30 3.56
C LYS B 143 -9.15 -15.19 2.35
N HIS B 144 -9.90 -16.26 2.23
CA HIS B 144 -9.81 -17.23 1.15
C HIS B 144 -11.04 -17.06 0.27
N ASN B 145 -10.88 -17.32 -1.03
CA ASN B 145 -11.97 -17.09 -1.98
C ASN B 145 -13.25 -17.83 -1.56
N ASP B 146 -13.12 -19.00 -0.95
CA ASP B 146 -14.29 -19.81 -0.63
C ASP B 146 -14.87 -19.56 0.76
N ASP B 147 -14.48 -18.47 1.42
CA ASP B 147 -14.87 -18.28 2.82
C ASP B 147 -14.88 -16.78 3.13
N GLU B 148 -15.30 -16.46 4.34
CA GLU B 148 -15.35 -15.09 4.83
C GLU B 148 -13.98 -14.67 5.37
N GLN B 149 -13.87 -13.39 5.70
CA GLN B 149 -12.67 -12.87 6.35
C GLN B 149 -12.72 -13.17 7.84
N TYR B 150 -11.66 -13.78 8.37
CA TYR B 150 -11.59 -14.08 9.78
C TYR B 150 -10.40 -13.38 10.41
N ILE B 151 -10.47 -13.21 11.73
CA ILE B 151 -9.36 -12.65 12.51
C ILE B 151 -9.11 -13.55 13.71
N TRP B 152 -7.85 -13.73 14.06
CA TRP B 152 -7.44 -14.55 15.19
C TRP B 152 -6.25 -13.92 15.90
N GLU B 153 -6.34 -13.81 17.21
CA GLU B 153 -5.31 -13.19 18.00
C GLU B 153 -4.50 -14.25 18.71
N SER B 154 -3.20 -14.10 18.66
CA SER B 154 -2.35 -15.05 19.33
C SER B 154 -1.45 -14.36 20.30
N ALA B 155 -1.39 -14.88 21.51
CA ALA B 155 -0.50 -14.40 22.54
C ALA B 155 -0.05 -15.63 23.32
N ALA B 156 1.16 -15.62 23.85
CA ALA B 156 1.61 -16.81 24.55
C ALA B 156 0.72 -17.05 25.76
N GLY B 157 0.12 -18.23 25.78
CA GLY B 157 -0.75 -18.65 26.86
C GLY B 157 -2.16 -18.13 26.72
N GLY B 158 -2.40 -17.39 25.66
CA GLY B 158 -3.70 -16.84 25.40
C GLY B 158 -4.69 -17.74 24.71
N THR B 159 -5.97 -17.45 24.92
CA THR B 159 -7.02 -18.20 24.25
C THR B 159 -7.87 -17.18 23.52
N PHE B 160 -7.98 -17.31 22.22
CA PHE B 160 -8.77 -16.38 21.43
C PHE B 160 -9.57 -17.20 20.46
N THR B 161 -10.78 -16.78 20.18
CA THR B 161 -11.65 -17.54 19.31
C THR B 161 -11.66 -16.97 17.90
N ILE B 162 -11.54 -17.82 16.90
CA ILE B 162 -11.54 -17.31 15.55
C ILE B 162 -12.84 -16.64 15.30
N THR B 163 -12.84 -15.38 14.91
CA THR B 163 -14.11 -14.76 14.64
C THR B 163 -14.22 -14.12 13.28
N GLU B 164 -15.42 -14.04 12.77
CA GLU B 164 -15.64 -13.35 11.51
C GLU B 164 -15.24 -11.89 11.66
N ASP B 165 -14.37 -11.43 10.77
CA ASP B 165 -13.92 -10.04 10.76
C ASP B 165 -14.92 -9.20 10.00
N THR B 166 -15.72 -8.42 10.73
CA THR B 166 -16.69 -7.52 10.13
C THR B 166 -16.26 -6.06 10.22
N GLU B 167 -15.17 -5.76 10.91
CA GLU B 167 -14.73 -4.40 11.18
C GLU B 167 -13.50 -3.99 10.39
N GLY B 168 -12.52 -4.87 10.27
CA GLY B 168 -11.23 -4.54 9.71
C GLY B 168 -11.27 -4.34 8.21
N PRO B 169 -10.24 -3.68 7.68
CA PRO B 169 -10.18 -3.48 6.23
C PRO B 169 -10.22 -4.79 5.46
N ARG B 170 -10.83 -4.74 4.29
CA ARG B 170 -10.91 -5.90 3.43
C ARG B 170 -9.54 -6.26 2.87
N LEU B 171 -9.16 -7.54 3.01
CA LEU B 171 -7.94 -8.02 2.40
C LEU B 171 -8.09 -8.34 0.92
N GLY B 172 -9.32 -8.47 0.42
CA GLY B 172 -9.56 -8.98 -0.92
C GLY B 172 -9.29 -10.47 -0.96
N ARG B 173 -8.04 -10.84 -0.74
CA ARG B 173 -7.62 -12.24 -0.62
C ARG B 173 -6.23 -12.23 0.00
N GLY B 174 -5.97 -13.20 0.89
CA GLY B 174 -4.63 -13.34 1.43
C GLY B 174 -4.65 -13.37 2.94
N THR B 175 -3.51 -13.01 3.52
CA THR B 175 -3.30 -13.12 4.96
C THR B 175 -2.47 -11.94 5.41
N SER B 176 -2.85 -11.37 6.56
CA SER B 176 -2.16 -10.22 7.14
C SER B 176 -1.77 -10.56 8.58
N MET B 177 -0.47 -10.52 8.85
CA MET B 177 0.09 -10.80 10.18
C MET B 177 0.45 -9.47 10.84
N LYS B 178 -0.28 -9.08 11.87
CA LYS B 178 0.01 -7.83 12.56
C LYS B 178 0.74 -8.12 13.86
N LEU B 179 2.04 -7.81 13.90
CA LEU B 179 2.90 -8.14 15.04
C LEU B 179 3.01 -6.94 15.98
N PHE B 180 2.66 -7.14 17.25
CA PHE B 180 2.79 -6.09 18.26
C PHE B 180 4.17 -6.23 18.89
N ILE B 181 5.10 -5.37 18.47
CA ILE B 181 6.51 -5.54 18.80
C ILE B 181 6.77 -5.29 20.28
N LYS B 182 7.63 -6.13 20.88
CA LYS B 182 8.00 -5.95 22.27
C LYS B 182 8.70 -4.60 22.47
N GLU B 183 8.59 -4.07 23.70
CA GLU B 183 8.96 -2.68 23.98
C GLU B 183 10.42 -2.39 23.65
N ASP B 184 11.33 -3.30 23.98
CA ASP B 184 12.75 -3.10 23.76
C ASP B 184 13.20 -3.43 22.34
N LEU B 185 12.31 -3.88 21.46
CA LEU B 185 12.70 -4.37 20.14
C LEU B 185 12.19 -3.50 19.00
N LYS B 186 11.95 -2.21 19.26
CA LYS B 186 11.38 -1.36 18.23
C LYS B 186 12.32 -1.16 17.04
N GLU B 187 13.57 -1.64 17.14
CA GLU B 187 14.47 -1.61 15.99
C GLU B 187 13.87 -2.31 14.77
N TYR B 188 13.01 -3.31 14.98
CA TYR B 188 12.43 -4.04 13.87
C TYR B 188 11.32 -3.26 13.16
N LEU B 189 11.09 -2.00 13.55
CA LEU B 189 10.20 -1.11 12.81
C LEU B 189 10.96 -0.12 11.94
N GLU B 190 12.29 -0.13 12.00
CA GLU B 190 13.09 0.84 11.27
C GLU B 190 13.30 0.39 9.83
N GLU B 191 13.19 1.35 8.91
CA GLU B 191 13.32 1.04 7.48
C GLU B 191 14.64 0.31 7.19
N LYS B 192 15.76 0.88 7.64
CA LYS B 192 17.04 0.29 7.25
C LYS B 192 17.22 -1.09 7.86
N ARG B 193 16.73 -1.31 9.09
CA ARG B 193 16.83 -2.62 9.71
C ARG B 193 16.00 -3.66 8.96
N ILE B 194 14.77 -3.29 8.57
CA ILE B 194 13.91 -4.22 7.84
C ILE B 194 14.52 -4.56 6.48
N ARG B 195 15.00 -3.56 5.77
CA ARG B 195 15.54 -3.81 4.44
C ARG B 195 16.77 -4.69 4.49
N GLU B 196 17.66 -4.46 5.47
CA GLU B 196 18.84 -5.30 5.60
C GLU B 196 18.48 -6.74 5.91
N ILE B 197 17.48 -6.95 6.77
CA ILE B 197 17.05 -8.30 7.10
C ILE B 197 16.53 -9.02 5.86
N VAL B 198 15.72 -8.34 5.06
CA VAL B 198 15.12 -8.96 3.88
C VAL B 198 16.19 -9.31 2.86
N LYS B 199 17.10 -8.37 2.58
CA LYS B 199 18.18 -8.65 1.63
C LYS B 199 19.00 -9.86 2.06
N LYS B 200 19.16 -10.04 3.36
CA LYS B 200 20.04 -11.08 3.86
C LYS B 200 19.37 -12.45 3.80
N HIS B 201 18.09 -12.52 4.13
CA HIS B 201 17.41 -13.79 4.36
C HIS B 201 16.42 -14.18 3.27
N SER B 202 15.99 -13.25 2.41
CA SER B 202 14.93 -13.54 1.45
C SER B 202 15.37 -13.26 0.02
N GLU B 203 16.62 -13.51 -0.29
CA GLU B 203 17.16 -13.23 -1.60
C GLU B 203 16.44 -13.99 -2.68
N PHE B 204 16.02 -15.20 -2.39
CA PHE B 204 15.38 -16.03 -3.37
C PHE B 204 13.86 -16.11 -3.38
N ILE B 205 13.20 -15.10 -2.85
CA ILE B 205 11.76 -15.07 -2.91
C ILE B 205 11.40 -14.57 -4.31
N SER B 206 10.49 -15.26 -4.98
CA SER B 206 10.16 -14.94 -6.36
C SER B 206 9.04 -13.90 -6.50
N TYR B 207 8.51 -13.39 -5.39
CA TYR B 207 7.44 -12.42 -5.47
C TYR B 207 7.95 -11.05 -5.03
N PRO B 208 7.35 -9.97 -5.53
CA PRO B 208 7.75 -8.64 -5.04
C PRO B 208 7.59 -8.53 -3.54
N ILE B 209 8.62 -8.02 -2.87
CA ILE B 209 8.56 -7.71 -1.45
C ILE B 209 8.57 -6.19 -1.31
N GLN B 210 7.48 -5.65 -0.77
CA GLN B 210 7.29 -4.22 -0.71
C GLN B 210 7.41 -3.73 0.73
N LEU B 211 7.90 -2.51 0.88
CA LEU B 211 7.99 -1.90 2.19
C LEU B 211 7.38 -0.51 2.10
N VAL B 212 6.49 -0.19 3.02
CA VAL B 212 5.91 1.15 3.05
C VAL B 212 6.83 2.04 3.86
N VAL B 213 7.41 3.05 3.21
CA VAL B 213 8.29 3.99 3.90
C VAL B 213 7.55 5.31 4.04
N THR B 214 7.73 5.93 5.19
CA THR B 214 7.03 7.16 5.53
C THR B 214 8.05 8.26 5.75
N LYS B 215 7.82 9.41 5.12
CA LYS B 215 8.68 10.57 5.30
C LYS B 215 8.70 11.02 6.75
N GLU B 216 9.91 11.18 7.31
CA GLU B 216 10.08 11.59 8.70
C GLU B 216 9.75 13.07 8.83
N THR B 217 8.94 13.41 9.83
CA THR B 217 8.43 14.78 9.99
C THR B 217 9.33 15.63 10.86
#